data_5I6O
#
_entry.id   5I6O
#
_cell.length_a   95.236
_cell.length_b   95.236
_cell.length_c   95.236
_cell.angle_alpha   90.000
_cell.angle_beta   90.000
_cell.angle_gamma   90.000
#
_symmetry.space_group_name_H-M   'P 21 3'
#
loop_
_entity.id
_entity.type
_entity.pdbx_description
1 polymer 'Copper-containing nitrite reductase'
2 non-polymer 'COPPER (II) ION'
3 non-polymer 'NITRIC OXIDE'
4 non-polymer 'NITROGEN DIOXIDE'
5 water water
#
_entity_poly.entity_id   1
_entity_poly.type   'polypeptide(L)'
_entity_poly.pdbx_seq_one_letter_code
;DISTLPRVKVDLVKPPFVHAHDQVAKTGPRVVEFTMTIEEKKLVIDREGTEIHAMTFNGSVPGPLMVVHENDYVELRLIN
PDTNTLLHNIDFHAATGALGGGALTQVNPGEETTLRFKATKPGVFVYHCAPEGMVPWHVTSGMNGAIMVLPRDGLKDEKG
QPLTYDKIYYVGEQDFYVPKDEAGNYKKYETPGEAYEDAVKAMRTLTPTHIVFNGAVGALTGDHALTAAVGERVLVVHSQ
ANRDTRPHLIGGHGDYVWATGKFRNPPDLDQETWLIPGGTAGAAFYTFRQPGVYAYVNHNLIEAFELGAAGHFKVTGEWN
DDLMTSVVKPAS
;
_entity_poly.pdbx_strand_id   A
#
loop_
_chem_comp.id
_chem_comp.type
_chem_comp.name
_chem_comp.formula
2NO non-polymer 'NITROGEN DIOXIDE' 'N O2'
CU non-polymer 'COPPER (II) ION' 'Cu 2'
NO non-polymer 'NITRIC OXIDE' 'N O'
#
# COMPACT_ATOMS: atom_id res chain seq x y z
N ASP A 1 17.89 -21.91 17.26
CA ASP A 1 18.49 -22.40 16.00
C ASP A 1 17.45 -22.31 14.88
N ILE A 2 17.65 -21.38 13.96
CA ILE A 2 16.63 -21.09 12.94
C ILE A 2 16.42 -22.29 12.00
N SER A 3 17.47 -23.06 11.73
CA SER A 3 17.35 -24.26 10.88
C SER A 3 16.36 -25.30 11.40
N THR A 4 16.07 -25.31 12.71
CA THR A 4 15.09 -26.24 13.32
C THR A 4 13.64 -25.76 13.23
N LEU A 5 13.43 -24.52 12.79
CA LEU A 5 12.08 -23.98 12.67
C LEU A 5 11.38 -24.49 11.41
N PRO A 6 10.03 -24.60 11.45
CA PRO A 6 9.30 -24.82 10.24
C PRO A 6 9.54 -23.71 9.20
N ARG A 7 9.54 -24.10 7.92
CA ARG A 7 9.54 -23.15 6.82
C ARG A 7 8.20 -23.23 6.14
N VAL A 8 7.70 -22.09 5.70
CA VAL A 8 6.43 -22.05 4.96
C VAL A 8 6.66 -21.08 3.84
N LYS A 9 6.32 -21.50 2.63
CA LYS A 9 6.44 -20.64 1.47
C LYS A 9 5.09 -20.00 1.22
N VAL A 10 5.10 -18.68 1.04
CA VAL A 10 3.90 -17.90 0.75
C VAL A 10 3.89 -17.57 -0.72
N ASP A 11 2.72 -17.70 -1.33
CA ASP A 11 2.49 -17.22 -2.66
C ASP A 11 1.68 -15.92 -2.56
N LEU A 12 2.30 -14.83 -2.98
CA LEU A 12 1.70 -13.51 -2.84
C LEU A 12 0.60 -13.27 -3.85
N VAL A 13 -0.27 -12.31 -3.54
CA VAL A 13 -1.33 -11.96 -4.45
C VAL A 13 -1.30 -10.47 -4.76
N LYS A 14 -1.99 -10.06 -5.80
CA LYS A 14 -2.02 -8.66 -6.22
C LYS A 14 -2.91 -7.83 -5.30
N PRO A 15 -2.40 -6.69 -4.83
CA PRO A 15 -3.31 -5.76 -4.14
C PRO A 15 -4.52 -5.40 -4.99
N PRO A 16 -5.67 -5.15 -4.37
CA PRO A 16 -5.84 -4.95 -2.94
C PRO A 16 -6.11 -6.18 -2.12
N PHE A 17 -6.03 -7.34 -2.77
CA PHE A 17 -6.18 -8.60 -2.10
C PHE A 17 -4.95 -8.94 -1.31
N VAL A 18 -5.09 -9.87 -0.38
CA VAL A 18 -4.01 -10.24 0.54
C VAL A 18 -3.94 -11.74 0.59
N HIS A 19 -2.73 -12.27 0.61
CA HIS A 19 -2.56 -13.71 0.70
C HIS A 19 -3.19 -14.28 1.94
N ALA A 20 -3.55 -15.55 1.85
CA ALA A 20 -4.25 -16.23 2.95
C ALA A 20 -3.31 -16.39 4.09
N HIS A 21 -3.84 -16.22 5.30
CA HIS A 21 -3.06 -16.29 6.51
C HIS A 21 -4.02 -16.57 7.67
N ASP A 22 -3.47 -16.86 8.84
CA ASP A 22 -4.27 -17.05 10.04
C ASP A 22 -4.10 -15.83 10.92
N GLN A 23 -5.18 -15.30 11.47
CA GLN A 23 -5.03 -14.15 12.37
C GLN A 23 -4.36 -14.51 13.67
N VAL A 24 -4.79 -15.62 14.26
CA VAL A 24 -4.17 -16.18 15.45
C VAL A 24 -3.22 -17.27 14.97
N ALA A 25 -1.98 -17.23 15.44
CA ALA A 25 -0.96 -18.16 15.00
C ALA A 25 -1.31 -19.59 15.37
N LYS A 26 -1.37 -20.44 14.35
CA LYS A 26 -1.70 -21.86 14.50
C LYS A 26 -0.47 -22.73 14.58
N THR A 27 0.71 -22.12 14.44
CA THR A 27 1.97 -22.78 14.63
C THR A 27 2.85 -21.94 15.53
N GLY A 28 3.98 -22.49 15.93
CA GLY A 28 4.99 -21.70 16.63
C GLY A 28 5.70 -20.80 15.62
N PRO A 29 6.75 -20.10 16.04
CA PRO A 29 7.48 -19.26 15.09
C PRO A 29 7.98 -20.07 13.88
N ARG A 30 7.94 -19.41 12.73
CA ARG A 30 8.31 -20.02 11.47
C ARG A 30 9.20 -19.09 10.70
N VAL A 31 9.94 -19.67 9.76
CA VAL A 31 10.56 -18.90 8.69
C VAL A 31 9.58 -18.85 7.53
N VAL A 32 9.14 -17.66 7.21
CA VAL A 32 8.13 -17.44 6.19
C VAL A 32 8.87 -16.93 4.95
N GLU A 33 8.80 -17.72 3.88
CA GLU A 33 9.55 -17.46 2.66
C GLU A 33 8.70 -16.77 1.60
N PHE A 34 9.19 -15.64 1.14
CA PHE A 34 8.55 -14.86 0.12
C PHE A 34 9.53 -14.71 -1.03
N THR A 35 8.99 -14.55 -2.23
CA THR A 35 9.80 -14.21 -3.41
C THR A 35 9.13 -13.07 -4.12
N MET A 36 9.89 -12.05 -4.46
CA MET A 36 9.38 -10.98 -5.30
C MET A 36 10.35 -10.71 -6.42
N THR A 37 9.79 -10.41 -7.57
CA THR A 37 10.56 -10.12 -8.76
C THR A 37 10.27 -8.69 -9.11
N ILE A 38 11.32 -7.91 -9.25
CA ILE A 38 11.20 -6.51 -9.65
C ILE A 38 10.84 -6.42 -11.10
N GLU A 39 9.88 -5.56 -11.41
CA GLU A 39 9.48 -5.28 -12.79
C GLU A 39 9.41 -3.80 -13.05
N GLU A 40 10.26 -3.32 -13.95
CA GLU A 40 10.17 -1.96 -14.48
C GLU A 40 9.21 -2.06 -15.65
N LYS A 41 8.16 -1.26 -15.65
CA LYS A 41 7.20 -1.35 -16.75
C LYS A 41 6.50 -0.02 -16.97
N LYS A 42 5.93 0.16 -18.15
CA LYS A 42 5.06 1.30 -18.40
C LYS A 42 3.73 1.09 -17.76
N LEU A 43 3.22 2.13 -17.14
CA LEU A 43 1.94 2.11 -16.45
CA LEU A 43 1.90 2.08 -16.53
C LEU A 43 1.12 3.32 -16.90
N VAL A 44 -0.12 3.09 -17.30
CA VAL A 44 -1.06 4.18 -17.56
C VAL A 44 -1.76 4.48 -16.24
N ILE A 45 -1.62 5.71 -15.76
CA ILE A 45 -2.04 6.07 -14.40
C ILE A 45 -3.29 6.94 -14.32
N ASP A 46 -3.80 7.45 -15.44
CA ASP A 46 -4.99 8.31 -15.40
C ASP A 46 -5.87 8.11 -16.61
N ARG A 47 -7.01 8.78 -16.64
CA ARG A 47 -8.00 8.64 -17.71
C ARG A 47 -7.57 9.30 -18.99
N GLU A 48 -6.63 10.26 -18.89
CA GLU A 48 -6.07 10.93 -20.07
C GLU A 48 -5.07 10.03 -20.81
N GLY A 49 -4.61 8.97 -20.18
CA GLY A 49 -3.65 8.08 -20.80
C GLY A 49 -2.21 8.41 -20.47
N THR A 50 -1.98 9.23 -19.44
CA THR A 50 -0.65 9.53 -18.98
C THR A 50 0.06 8.25 -18.59
N GLU A 51 1.23 8.02 -19.21
CA GLU A 51 1.97 6.78 -19.08
C GLU A 51 3.30 7.10 -18.46
N ILE A 52 3.65 6.41 -17.38
CA ILE A 52 4.91 6.64 -16.68
C ILE A 52 5.70 5.34 -16.72
N HIS A 53 6.99 5.44 -16.41
CA HIS A 53 7.83 4.26 -16.24
C HIS A 53 7.84 3.95 -14.76
N ALA A 54 7.07 2.94 -14.43
CA ALA A 54 6.89 2.53 -13.06
C ALA A 54 8.00 1.56 -12.68
N MET A 55 8.33 1.55 -11.40
CA MET A 55 9.27 0.59 -10.85
C MET A 55 8.48 -0.16 -9.82
N THR A 56 8.37 -1.47 -9.98
CA THR A 56 7.48 -2.26 -9.12
C THR A 56 8.14 -3.45 -8.50
N PHE A 57 7.59 -3.81 -7.34
CA PHE A 57 7.77 -5.11 -6.77
C PHE A 57 6.62 -5.99 -7.26
N ASN A 58 6.97 -7.06 -7.96
CA ASN A 58 6.01 -8.05 -8.41
C ASN A 58 4.98 -7.57 -9.41
N GLY A 59 5.28 -6.50 -10.15
CA GLY A 59 4.43 -6.06 -11.24
C GLY A 59 3.29 -5.14 -10.87
N SER A 60 3.17 -4.76 -9.59
CA SER A 60 2.04 -3.99 -9.14
C SER A 60 2.50 -2.75 -8.39
N VAL A 61 1.65 -1.73 -8.35
CA VAL A 61 1.81 -0.58 -7.48
C VAL A 61 0.53 -0.54 -6.66
N PRO A 62 0.58 -0.70 -5.34
CA PRO A 62 1.77 -1.01 -4.56
C PRO A 62 2.21 -2.44 -4.77
N GLY A 63 3.35 -2.76 -4.22
CA GLY A 63 3.79 -4.11 -4.05
C GLY A 63 2.83 -4.88 -3.15
N PRO A 64 2.88 -6.19 -3.18
CA PRO A 64 1.97 -6.98 -2.40
C PRO A 64 2.13 -6.84 -0.89
N LEU A 65 1.04 -7.05 -0.17
CA LEU A 65 1.08 -7.12 1.26
C LEU A 65 1.62 -8.46 1.71
N MET A 66 2.68 -8.46 2.51
CA MET A 66 3.20 -9.69 3.10
C MET A 66 2.60 -9.78 4.51
N VAL A 67 2.28 -10.98 4.98
CA VAL A 67 1.65 -11.13 6.31
C VAL A 67 2.38 -12.26 7.06
N VAL A 68 2.89 -11.91 8.24
CA VAL A 68 3.54 -12.84 9.15
C VAL A 68 3.06 -12.56 10.56
N HIS A 69 3.51 -13.37 11.52
CA HIS A 69 3.27 -13.11 12.94
C HIS A 69 4.51 -12.65 13.64
N GLU A 70 4.32 -11.88 14.71
CA GLU A 70 5.39 -11.46 15.56
C GLU A 70 6.34 -12.59 15.94
N ASN A 71 7.64 -12.31 15.77
CA ASN A 71 8.74 -13.24 16.03
C ASN A 71 8.87 -14.39 15.05
N ASP A 72 8.08 -14.36 13.97
CA ASP A 72 8.47 -15.10 12.78
C ASP A 72 9.74 -14.47 12.16
N TYR A 73 10.39 -15.25 11.32
CA TYR A 73 11.46 -14.74 10.47
C TYR A 73 10.89 -14.58 9.10
N VAL A 74 11.22 -13.47 8.46
CA VAL A 74 10.81 -13.20 7.11
C VAL A 74 12.04 -13.48 6.30
N GLU A 75 11.92 -14.34 5.31
CA GLU A 75 13.00 -14.59 4.38
C GLU A 75 12.50 -14.22 2.99
N LEU A 76 13.13 -13.22 2.40
CA LEU A 76 12.76 -12.73 1.09
C LEU A 76 13.84 -12.97 0.07
N ARG A 77 13.46 -13.61 -1.02
CA ARG A 77 14.29 -13.72 -2.18
C ARG A 77 13.83 -12.61 -3.15
N LEU A 78 14.71 -11.68 -3.40
CA LEU A 78 14.46 -10.59 -4.29
C LEU A 78 15.22 -10.80 -5.57
N ILE A 79 14.49 -10.75 -6.67
CA ILE A 79 15.03 -11.04 -8.01
C ILE A 79 14.96 -9.79 -8.85
N ASN A 80 16.10 -9.38 -9.41
CA ASN A 80 16.11 -8.27 -10.36
C ASN A 80 16.47 -8.80 -11.76
N PRO A 81 15.47 -9.11 -12.60
CA PRO A 81 15.80 -9.75 -13.88
C PRO A 81 16.60 -8.86 -14.81
N ASP A 82 17.36 -9.49 -15.70
CA ASP A 82 18.22 -8.77 -16.65
C ASP A 82 17.45 -7.94 -17.68
N THR A 83 16.13 -8.10 -17.75
CA THR A 83 15.25 -7.23 -18.54
C THR A 83 15.05 -5.83 -17.91
N ASN A 84 15.40 -5.66 -16.64
CA ASN A 84 15.40 -4.34 -16.02
C ASN A 84 16.69 -3.62 -16.31
N THR A 85 16.68 -2.30 -16.11
CA THR A 85 17.81 -1.44 -16.37
C THR A 85 18.48 -0.87 -15.13
N LEU A 86 17.79 -0.86 -13.99
CA LEU A 86 18.31 -0.16 -12.82
C LEU A 86 18.72 -1.07 -11.68
N LEU A 87 19.55 -0.53 -10.79
CA LEU A 87 19.84 -1.14 -9.52
C LEU A 87 18.66 -0.92 -8.59
N HIS A 88 18.28 -1.97 -7.85
CA HIS A 88 17.23 -1.89 -6.82
C HIS A 88 17.64 -2.60 -5.56
N ASN A 89 16.88 -2.36 -4.49
CA ASN A 89 17.08 -3.07 -3.25
C ASN A 89 15.75 -3.08 -2.49
N ILE A 90 15.79 -3.44 -1.22
CA ILE A 90 14.57 -3.38 -0.40
C ILE A 90 14.90 -3.05 1.03
N ASP A 91 14.11 -2.13 1.60
CA ASP A 91 14.19 -1.65 2.98
C ASP A 91 12.85 -2.00 3.61
N PHE A 92 12.87 -2.78 4.67
CA PHE A 92 11.68 -3.06 5.49
C PHE A 92 11.65 -2.25 6.76
N HIS A 93 10.60 -1.45 6.94
CA HIS A 93 10.45 -0.71 8.20
C HIS A 93 10.21 -1.64 9.38
N ALA A 94 9.80 -2.86 9.09
CA ALA A 94 9.62 -3.90 10.14
C ALA A 94 10.88 -4.48 10.69
N ALA A 95 11.98 -4.30 9.99
CA ALA A 95 13.26 -4.97 10.29
C ALA A 95 14.16 -4.07 11.10
N THR A 96 15.13 -4.67 11.76
CA THR A 96 16.13 -3.95 12.52
C THR A 96 17.53 -4.18 11.98
N GLY A 97 18.19 -3.09 11.61
CA GLY A 97 19.59 -3.11 11.13
C GLY A 97 19.73 -2.86 9.64
N ALA A 98 20.96 -2.51 9.23
CA ALA A 98 21.38 -2.42 7.84
C ALA A 98 20.38 -1.65 7.00
N LEU A 99 19.95 -0.51 7.54
CA LEU A 99 19.01 0.36 6.82
C LEU A 99 17.75 -0.41 6.40
N GLY A 100 17.28 -1.28 7.29
CA GLY A 100 16.08 -2.06 7.09
C GLY A 100 16.25 -3.19 6.09
N GLY A 101 17.51 -3.51 5.82
CA GLY A 101 17.86 -4.48 4.79
C GLY A 101 18.42 -3.88 3.54
N GLY A 102 18.24 -2.58 3.33
CA GLY A 102 18.65 -1.94 2.11
C GLY A 102 20.14 -2.08 1.83
N ALA A 103 20.94 -2.04 2.90
CA ALA A 103 22.39 -2.16 2.78
C ALA A 103 22.81 -3.56 2.32
N LEU A 104 21.95 -4.56 2.48
CA LEU A 104 22.29 -5.96 2.17
C LEU A 104 21.63 -6.52 0.94
N THR A 105 20.78 -5.73 0.29
CA THR A 105 19.94 -6.24 -0.79
C THR A 105 20.12 -5.57 -2.16
N GLN A 106 21.24 -4.89 -2.36
CA GLN A 106 21.47 -4.17 -3.63
C GLN A 106 21.66 -5.17 -4.73
N VAL A 107 20.71 -5.19 -5.68
CA VAL A 107 20.75 -6.16 -6.80
C VAL A 107 20.79 -5.42 -8.14
N ASN A 108 21.87 -5.64 -8.90
CA ASN A 108 21.94 -5.14 -10.26
C ASN A 108 21.03 -6.01 -11.13
N PRO A 109 20.66 -5.51 -12.31
CA PRO A 109 19.91 -6.42 -13.21
C PRO A 109 20.67 -7.72 -13.50
N GLY A 110 19.94 -8.83 -13.44
CA GLY A 110 20.51 -10.16 -13.56
C GLY A 110 20.97 -10.76 -12.24
N GLU A 111 20.69 -10.10 -11.13
CA GLU A 111 21.11 -10.59 -9.80
C GLU A 111 19.89 -10.85 -8.93
N GLU A 112 20.11 -11.68 -7.92
CA GLU A 112 19.14 -11.91 -6.87
C GLU A 112 19.85 -11.98 -5.53
N THR A 113 19.06 -11.85 -4.48
CA THR A 113 19.59 -11.86 -3.12
C THR A 113 18.50 -12.44 -2.22
N THR A 114 18.92 -12.95 -1.06
CA THR A 114 17.96 -13.42 -0.05
C THR A 114 18.33 -12.81 1.28
N LEU A 115 17.35 -12.17 1.91
CA LEU A 115 17.50 -11.47 3.19
C LEU A 115 16.61 -12.20 4.18
N ARG A 116 17.09 -12.35 5.41
CA ARG A 116 16.22 -12.87 6.45
C ARG A 116 16.22 -11.87 7.61
N PHE A 117 15.05 -11.56 8.15
CA PHE A 117 15.00 -10.76 9.36
C PHE A 117 13.93 -11.24 10.30
N LYS A 118 14.11 -10.96 11.58
CA LYS A 118 13.14 -11.33 12.60
C LYS A 118 12.10 -10.23 12.73
N ALA A 119 10.83 -10.58 12.63
CA ALA A 119 9.77 -9.58 12.73
C ALA A 119 9.44 -9.33 14.19
N THR A 120 10.22 -8.47 14.85
CA THR A 120 10.10 -8.37 16.30
C THR A 120 9.01 -7.46 16.83
N LYS A 121 8.38 -6.67 15.96
CA LYS A 121 7.38 -5.70 16.41
C LYS A 121 6.12 -5.87 15.61
N PRO A 122 4.96 -5.98 16.27
CA PRO A 122 3.72 -6.18 15.57
C PRO A 122 3.14 -4.88 15.04
N GLY A 123 2.60 -4.95 13.84
CA GLY A 123 2.07 -3.75 13.19
C GLY A 123 2.02 -3.93 11.71
N VAL A 124 1.54 -2.93 11.04
CA VAL A 124 1.69 -2.82 9.58
C VAL A 124 2.83 -1.85 9.33
N PHE A 125 3.71 -2.19 8.40
CA PHE A 125 4.93 -1.43 8.12
C PHE A 125 5.12 -1.25 6.63
N VAL A 126 5.69 -0.14 6.24
CA VAL A 126 6.05 0.08 4.85
C VAL A 126 7.32 -0.73 4.52
N TYR A 127 7.40 -1.21 3.29
CA TYR A 127 8.68 -1.56 2.68
C TYR A 127 8.81 -0.76 1.38
N HIS A 128 10.07 -0.46 1.02
CA HIS A 128 10.30 0.25 -0.23
C HIS A 128 11.70 0.08 -0.70
N CYS A 129 11.90 0.33 -1.98
CA CYS A 129 13.25 0.35 -2.51
C CYS A 129 13.96 1.62 -2.04
N ALA A 130 15.28 1.57 -1.85
CA ALA A 130 16.01 2.72 -1.39
C ALA A 130 17.45 2.69 -1.82
N PRO A 131 17.67 2.83 -3.14
CA PRO A 131 19.06 2.78 -3.60
C PRO A 131 19.80 4.08 -3.29
N GLU A 132 21.03 3.97 -2.82
CA GLU A 132 21.79 5.13 -2.36
C GLU A 132 21.81 6.19 -3.48
N GLY A 133 21.41 7.41 -3.13
CA GLY A 133 21.40 8.53 -4.06
C GLY A 133 20.17 8.69 -4.94
N MET A 134 19.25 7.71 -4.93
CA MET A 134 18.09 7.67 -5.82
CA MET A 134 18.03 7.87 -5.75
C MET A 134 16.80 7.30 -5.08
N VAL A 135 16.78 7.43 -3.77
CA VAL A 135 15.72 6.88 -2.99
C VAL A 135 14.31 7.44 -3.35
N PRO A 136 14.11 8.76 -3.31
CA PRO A 136 12.75 9.20 -3.58
C PRO A 136 12.27 8.93 -5.00
N TRP A 137 13.20 8.88 -5.96
CA TRP A 137 12.80 8.53 -7.32
C TRP A 137 12.21 7.11 -7.38
N HIS A 138 12.87 6.14 -6.80
CA HIS A 138 12.32 4.79 -6.84
C HIS A 138 10.99 4.67 -6.11
N VAL A 139 10.93 5.29 -4.92
CA VAL A 139 9.73 5.18 -4.11
C VAL A 139 8.56 5.84 -4.83
N THR A 140 8.78 7.05 -5.37
CA THR A 140 7.68 7.76 -6.03
C THR A 140 7.40 7.25 -7.45
N SER A 141 8.20 6.28 -7.92
CA SER A 141 7.90 5.56 -9.16
C SER A 141 7.11 4.28 -8.89
N GLY A 142 6.76 4.01 -7.63
CA GLY A 142 5.88 2.89 -7.31
C GLY A 142 6.51 1.78 -6.49
N MET A 143 7.79 1.92 -6.10
CA MET A 143 8.51 0.78 -5.56
C MET A 143 8.36 0.74 -4.03
N ASN A 144 7.14 0.43 -3.62
CA ASN A 144 6.82 0.33 -2.21
C ASN A 144 5.61 -0.53 -2.00
N GLY A 145 5.52 -1.04 -0.78
CA GLY A 145 4.42 -1.92 -0.38
C GLY A 145 4.37 -1.93 1.13
N ALA A 146 3.81 -2.99 1.67
CA ALA A 146 3.72 -3.08 3.13
C ALA A 146 3.78 -4.51 3.59
N ILE A 147 4.10 -4.65 4.86
CA ILE A 147 4.13 -5.94 5.51
C ILE A 147 3.34 -5.81 6.80
N MET A 148 2.48 -6.78 7.08
CA MET A 148 1.75 -6.83 8.33
C MET A 148 2.32 -7.93 9.19
N VAL A 149 2.70 -7.55 10.42
CA VAL A 149 3.18 -8.45 11.42
C VAL A 149 2.11 -8.53 12.48
N LEU A 150 1.34 -9.60 12.48
CA LEU A 150 0.24 -9.75 13.43
C LEU A 150 0.76 -10.20 14.78
N PRO A 151 0.13 -9.73 15.87
CA PRO A 151 0.39 -10.36 17.15
C PRO A 151 0.04 -11.86 17.06
N ARG A 152 0.82 -12.69 17.75
CA ARG A 152 0.53 -14.11 17.71
C ARG A 152 -0.90 -14.46 18.16
N ASP A 153 -1.50 -13.68 19.05
CA ASP A 153 -2.90 -13.94 19.43
C ASP A 153 -3.89 -13.03 18.72
N GLY A 154 -3.49 -12.45 17.58
CA GLY A 154 -4.39 -11.71 16.73
C GLY A 154 -4.61 -10.31 17.27
N LEU A 155 -5.51 -9.57 16.63
CA LEU A 155 -5.73 -8.17 16.99
C LEU A 155 -6.62 -8.07 18.21
N LYS A 156 -6.42 -7.01 18.98
CA LYS A 156 -7.24 -6.73 20.18
C LYS A 156 -7.73 -5.31 20.18
N ASP A 157 -8.87 -5.09 20.82
CA ASP A 157 -9.43 -3.74 20.98
C ASP A 157 -8.81 -3.02 22.16
N GLU A 158 -9.32 -1.83 22.45
CA GLU A 158 -8.78 -0.97 23.49
C GLU A 158 -8.93 -1.57 24.91
N LYS A 159 -9.82 -2.55 25.08
CA LYS A 159 -10.04 -3.23 26.34
C LYS A 159 -9.37 -4.60 26.39
N GLY A 160 -8.66 -4.97 25.33
CA GLY A 160 -8.00 -6.27 25.28
C GLY A 160 -8.85 -7.43 24.80
N GLN A 161 -10.05 -7.15 24.26
CA GLN A 161 -10.92 -8.20 23.70
C GLN A 161 -10.50 -8.43 22.23
N PRO A 162 -10.64 -9.66 21.73
CA PRO A 162 -10.32 -9.93 20.32
C PRO A 162 -11.08 -9.10 19.31
N LEU A 163 -10.39 -8.70 18.26
CA LEU A 163 -11.01 -8.12 17.06
C LEU A 163 -10.64 -9.03 15.92
N THR A 164 -11.62 -9.65 15.28
CA THR A 164 -11.37 -10.59 14.21
C THR A 164 -11.98 -10.05 12.97
N TYR A 165 -11.19 -9.93 11.91
CA TYR A 165 -11.73 -9.46 10.65
C TYR A 165 -12.19 -10.63 9.78
N ASP A 166 -13.20 -10.38 8.98
CA ASP A 166 -13.71 -11.36 8.01
C ASP A 166 -13.03 -11.21 6.67
N LYS A 167 -12.68 -9.98 6.35
CA LYS A 167 -12.03 -9.62 5.09
C LYS A 167 -10.93 -8.59 5.38
N ILE A 168 -9.90 -8.60 4.55
CA ILE A 168 -8.80 -7.64 4.61
C ILE A 168 -8.48 -7.17 3.22
N TYR A 169 -8.31 -5.86 3.09
CA TYR A 169 -7.85 -5.27 1.87
C TYR A 169 -6.63 -4.41 2.16
N TYR A 170 -5.77 -4.31 1.14
CA TYR A 170 -4.60 -3.45 1.19
C TYR A 170 -4.73 -2.35 0.13
N VAL A 171 -4.84 -1.11 0.59
CA VAL A 171 -4.85 0.07 -0.26
C VAL A 171 -3.50 0.77 -0.17
N GLY A 172 -2.72 0.66 -1.23
CA GLY A 172 -1.50 1.43 -1.31
C GLY A 172 -1.77 2.73 -2.00
N GLU A 173 -1.44 3.83 -1.36
CA GLU A 173 -1.62 5.13 -1.97
C GLU A 173 -0.30 5.64 -2.50
N GLN A 174 -0.28 6.04 -3.78
CA GLN A 174 0.97 6.42 -4.45
C GLN A 174 0.87 7.85 -4.95
N ASP A 175 1.86 8.65 -4.57
CA ASP A 175 2.07 9.99 -5.08
C ASP A 175 3.07 9.94 -6.23
N PHE A 176 2.63 10.38 -7.40
CA PHE A 176 3.49 10.48 -8.57
C PHE A 176 3.77 11.95 -8.82
N TYR A 177 4.92 12.23 -9.38
CA TYR A 177 5.40 13.58 -9.66
C TYR A 177 5.84 13.59 -11.12
N VAL A 178 4.89 13.64 -12.01
CA VAL A 178 5.19 13.51 -13.46
C VAL A 178 5.71 14.86 -13.92
N PRO A 179 6.92 14.91 -14.51
CA PRO A 179 7.46 16.19 -14.92
C PRO A 179 6.59 16.91 -15.93
N LYS A 180 6.52 18.21 -15.76
CA LYS A 180 5.70 19.07 -16.59
C LYS A 180 6.58 20.08 -17.27
N ASP A 181 6.22 20.41 -18.49
CA ASP A 181 6.81 21.56 -19.15
C ASP A 181 6.18 22.85 -18.63
N GLU A 182 6.71 24.01 -19.04
CA GLU A 182 6.19 25.29 -18.53
C GLU A 182 4.70 25.54 -18.86
N ALA A 183 4.20 25.00 -19.98
CA ALA A 183 2.75 25.08 -20.30
C ALA A 183 1.88 24.16 -19.41
N GLY A 184 2.51 23.20 -18.74
CA GLY A 184 1.84 22.32 -17.81
C GLY A 184 1.53 20.92 -18.33
N ASN A 185 2.03 20.58 -19.53
CA ASN A 185 1.85 19.23 -20.05
C ASN A 185 2.92 18.29 -19.55
N TYR A 186 2.56 17.03 -19.37
CA TYR A 186 3.52 16.01 -18.92
C TYR A 186 4.56 15.69 -19.98
N LYS A 187 5.82 15.66 -19.56
CA LYS A 187 6.94 15.35 -20.46
C LYS A 187 7.16 13.84 -20.53
N LYS A 188 7.71 13.37 -21.65
CA LYS A 188 7.91 11.92 -21.86
C LYS A 188 9.36 11.56 -22.20
N TYR A 189 9.93 10.48 -21.65
N TYR A 189 9.52 10.24 -22.08
CA TYR A 189 11.42 10.34 -21.67
CA TYR A 189 10.73 9.45 -21.96
C TYR A 189 11.98 9.05 -22.29
C TYR A 189 10.34 8.06 -22.49
N GLU A 190 13.12 9.20 -22.99
N GLU A 190 11.26 7.40 -23.18
CA GLU A 190 13.73 8.13 -23.77
CA GLU A 190 10.98 6.06 -23.69
C GLU A 190 14.56 7.15 -22.94
C GLU A 190 11.53 5.03 -22.71
N THR A 191 15.10 7.60 -21.80
N THR A 191 12.22 5.51 -21.68
CA THR A 191 15.86 6.72 -20.92
CA THR A 191 12.79 4.64 -20.66
C THR A 191 15.70 7.19 -19.48
C THR A 191 12.75 5.29 -19.30
N PRO A 192 15.89 6.27 -18.53
N PRO A 192 12.82 4.47 -18.23
CA PRO A 192 15.81 6.66 -17.12
CA PRO A 192 12.95 5.03 -16.89
C PRO A 192 16.78 7.77 -16.76
C PRO A 192 14.14 5.98 -16.86
N GLY A 193 18.01 7.66 -17.27
N GLY A 193 15.24 5.58 -17.48
CA GLY A 193 19.06 8.66 -17.02
CA GLY A 193 16.43 6.41 -17.55
C GLY A 193 18.70 10.02 -17.57
C GLY A 193 16.16 7.84 -17.99
N GLU A 194 17.97 10.04 -18.68
N GLU A 194 15.38 8.00 -19.05
CA GLU A 194 17.55 11.29 -19.29
CA GLU A 194 15.09 9.33 -19.58
C GLU A 194 16.35 11.88 -18.55
C GLU A 194 14.18 10.09 -18.65
N ALA A 195 15.66 11.06 -17.78
N ALA A 195 13.13 9.42 -18.18
CA ALA A 195 14.46 11.50 -17.03
CA ALA A 195 12.20 10.07 -17.27
C ALA A 195 14.83 12.04 -15.66
C ALA A 195 12.98 10.60 -16.06
N TYR A 196 15.98 11.57 -15.17
N TYR A 196 14.11 9.97 -15.75
CA TYR A 196 16.33 11.73 -13.76
CA TYR A 196 14.89 10.36 -14.57
C TYR A 196 16.30 13.17 -13.26
C TYR A 196 15.24 11.83 -14.52
N GLU A 197 16.96 14.11 -13.92
N GLU A 197 15.55 12.42 -15.67
CA GLU A 197 17.06 15.48 -13.35
CA GLU A 197 15.96 13.81 -15.62
C GLU A 197 15.70 16.17 -13.37
C GLU A 197 14.87 14.77 -15.89
N ASP A 198 14.94 15.93 -14.42
N ASP A 198 14.52 15.49 -14.85
CA ASP A 198 13.57 16.41 -14.46
CA ASP A 198 13.25 16.13 -14.85
C ASP A 198 12.69 15.73 -13.41
C ASP A 198 12.49 15.61 -13.63
N ALA A 199 12.87 14.43 -13.15
CA ALA A 199 12.17 13.78 -12.04
C ALA A 199 12.49 14.48 -10.74
N VAL A 200 13.76 14.80 -10.53
CA VAL A 200 14.18 15.48 -9.30
C VAL A 200 13.53 16.84 -9.23
N LYS A 201 13.55 17.59 -10.33
CA LYS A 201 12.91 18.90 -10.36
C LYS A 201 11.41 18.80 -10.02
N ALA A 202 10.72 17.82 -10.57
CA ALA A 202 9.30 17.65 -10.32
C ALA A 202 9.00 17.30 -8.85
N MET A 203 9.82 16.45 -8.29
CA MET A 203 9.69 16.07 -6.90
C MET A 203 9.90 17.27 -5.99
N ARG A 204 10.86 18.10 -6.31
CA ARG A 204 11.20 19.25 -5.51
C ARG A 204 10.09 20.25 -5.36
N THR A 205 9.12 20.20 -6.24
CA THR A 205 7.99 21.08 -6.11
C THR A 205 7.11 20.67 -4.95
N LEU A 206 7.23 19.63 -4.52
CA LEU A 206 6.52 18.91 -3.48
C LEU A 206 5.04 18.76 -3.74
N THR A 207 4.67 18.85 -4.96
CA THR A 207 3.31 18.82 -5.37
C THR A 207 3.11 17.70 -6.33
N PRO A 208 2.44 16.64 -5.78
CA PRO A 208 2.20 15.52 -6.69
C PRO A 208 1.27 15.87 -7.84
N THR A 209 1.46 15.27 -9.00
CA THR A 209 0.58 15.43 -10.13
C THR A 209 -0.60 14.44 -10.07
N HIS A 210 -0.37 13.31 -9.39
CA HIS A 210 -1.34 12.24 -9.27
C HIS A 210 -1.16 11.63 -7.90
N ILE A 211 -2.28 11.25 -7.29
CA ILE A 211 -2.26 10.52 -6.02
C ILE A 211 -3.30 9.45 -6.20
N VAL A 212 -2.89 8.20 -6.26
CA VAL A 212 -3.76 7.13 -6.71
C VAL A 212 -3.74 5.96 -5.75
N PHE A 213 -4.82 5.19 -5.77
CA PHE A 213 -4.92 3.93 -5.02
C PHE A 213 -4.71 2.80 -5.99
N ASN A 214 -3.93 1.82 -5.61
CA ASN A 214 -3.68 0.64 -6.42
C ASN A 214 -3.21 0.96 -7.83
N GLY A 215 -2.44 2.05 -7.95
CA GLY A 215 -1.66 2.31 -9.11
C GLY A 215 -2.24 3.13 -10.21
N ALA A 216 -3.51 3.52 -10.13
CA ALA A 216 -4.10 4.32 -11.19
C ALA A 216 -5.38 4.97 -10.74
N VAL A 217 -5.73 6.06 -11.38
CA VAL A 217 -7.01 6.70 -11.15
C VAL A 217 -8.11 5.67 -11.46
N GLY A 218 -9.06 5.53 -10.55
CA GLY A 218 -10.15 4.60 -10.72
C GLY A 218 -9.86 3.11 -10.59
N ALA A 219 -8.66 2.74 -10.12
CA ALA A 219 -8.27 1.34 -10.05
C ALA A 219 -9.18 0.53 -9.12
N LEU A 220 -9.70 1.25 -8.12
CA LEU A 220 -10.58 0.52 -7.18
C LEU A 220 -12.02 0.90 -7.36
N THR A 221 -12.44 0.89 -8.56
CA THR A 221 -13.82 1.25 -8.92
C THR A 221 -14.34 0.28 -9.96
N GLY A 222 -15.66 0.27 -10.11
CA GLY A 222 -16.31 -0.53 -11.14
C GLY A 222 -16.22 -1.99 -10.82
N ASP A 223 -15.74 -2.77 -11.79
CA ASP A 223 -15.53 -4.19 -11.58
C ASP A 223 -14.45 -4.48 -10.55
N HIS A 224 -13.62 -3.48 -10.24
CA HIS A 224 -12.57 -3.64 -9.24
C HIS A 224 -12.86 -2.89 -7.91
N ALA A 225 -14.12 -2.53 -7.69
CA ALA A 225 -14.51 -1.97 -6.40
C ALA A 225 -14.29 -3.02 -5.31
N LEU A 226 -13.98 -2.55 -4.12
CA LEU A 226 -13.88 -3.40 -2.95
C LEU A 226 -15.28 -3.83 -2.59
N THR A 227 -15.42 -5.03 -2.02
CA THR A 227 -16.74 -5.52 -1.67
C THR A 227 -16.85 -5.94 -0.23
N ALA A 228 -18.08 -5.87 0.29
CA ALA A 228 -18.38 -6.37 1.60
C ALA A 228 -19.87 -6.58 1.72
N ALA A 229 -20.29 -7.15 2.85
CA ALA A 229 -21.70 -7.35 3.15
C ALA A 229 -21.98 -6.69 4.45
N VAL A 230 -23.20 -6.23 4.62
CA VAL A 230 -23.63 -5.72 5.92
C VAL A 230 -23.33 -6.74 7.01
N GLY A 231 -22.70 -6.26 8.10
CA GLY A 231 -22.30 -7.12 9.17
C GLY A 231 -20.92 -7.70 9.09
N GLU A 232 -20.26 -7.56 7.95
CA GLU A 232 -18.91 -8.05 7.77
CA GLU A 232 -18.89 -8.06 7.81
C GLU A 232 -17.92 -7.10 8.42
N ARG A 233 -16.92 -7.67 9.10
CA ARG A 233 -15.84 -6.95 9.74
C ARG A 233 -14.68 -6.90 8.75
N VAL A 234 -14.29 -5.70 8.38
CA VAL A 234 -13.29 -5.53 7.33
C VAL A 234 -12.11 -4.76 7.89
N LEU A 235 -10.90 -5.24 7.61
CA LEU A 235 -9.70 -4.50 7.95
C LEU A 235 -9.14 -3.92 6.68
N VAL A 236 -8.93 -2.61 6.64
CA VAL A 236 -8.28 -1.98 5.51
C VAL A 236 -6.91 -1.50 5.96
N VAL A 237 -5.89 -2.06 5.37
CA VAL A 237 -4.52 -1.64 5.59
C VAL A 237 -4.23 -0.58 4.53
N HIS A 238 -3.62 0.52 4.91
CA HIS A 238 -3.39 1.65 4.00
C HIS A 238 -1.97 2.12 4.23
N SER A 239 -1.19 2.22 3.17
CA SER A 239 0.18 2.70 3.30
C SER A 239 0.43 3.87 2.42
N GLN A 240 1.40 4.66 2.84
CA GLN A 240 1.90 5.79 2.02
C GLN A 240 3.36 5.91 2.37
N ALA A 241 4.21 5.61 1.41
CA ALA A 241 5.65 5.55 1.66
C ALA A 241 6.34 6.93 1.68
N ASN A 242 5.67 7.99 1.24
CA ASN A 242 6.33 9.28 1.05
C ASN A 242 5.59 10.48 1.53
N ARG A 243 4.28 10.43 1.72
CA ARG A 243 3.52 11.63 1.91
C ARG A 243 2.36 11.32 2.82
N ASP A 244 1.96 12.27 3.67
CA ASP A 244 0.87 12.03 4.62
C ASP A 244 -0.42 11.79 3.85
N THR A 245 -1.27 10.94 4.41
CA THR A 245 -2.62 10.78 3.86
C THR A 245 -3.61 10.72 4.99
N ARG A 246 -4.88 10.90 4.65
CA ARG A 246 -5.94 10.98 5.63
C ARG A 246 -7.15 10.20 5.15
N PRO A 247 -7.14 8.88 5.36
CA PRO A 247 -8.22 8.06 4.84
C PRO A 247 -9.56 8.33 5.52
N HIS A 248 -10.60 8.12 4.77
CA HIS A 248 -11.96 8.33 5.22
C HIS A 248 -12.86 7.42 4.41
N LEU A 249 -13.75 6.71 5.09
CA LEU A 249 -14.76 5.92 4.43
C LEU A 249 -16.05 6.74 4.39
N ILE A 250 -16.41 7.22 3.21
CA ILE A 250 -17.58 8.10 3.09
C ILE A 250 -18.86 7.28 3.32
N GLY A 251 -19.61 7.63 4.36
CA GLY A 251 -20.75 6.84 4.83
C GLY A 251 -20.44 5.89 5.95
N GLY A 252 -19.17 5.74 6.30
CA GLY A 252 -18.78 4.86 7.39
C GLY A 252 -17.80 5.55 8.33
N HIS A 253 -17.04 4.72 9.02
CA HIS A 253 -16.09 5.14 10.06
C HIS A 253 -14.98 4.17 10.14
N GLY A 254 -13.93 4.56 10.87
CA GLY A 254 -12.96 3.59 11.36
C GLY A 254 -13.37 3.24 12.78
N ASP A 255 -14.01 2.08 12.98
CA ASP A 255 -14.45 1.68 14.33
C ASP A 255 -13.26 1.57 15.27
N TYR A 256 -12.19 0.94 14.77
CA TYR A 256 -10.94 0.77 15.51
C TYR A 256 -9.87 1.12 14.52
N VAL A 257 -9.04 2.06 14.85
CA VAL A 257 -7.99 2.52 13.94
C VAL A 257 -6.65 2.57 14.63
N TRP A 258 -5.67 1.97 13.98
CA TRP A 258 -4.25 2.15 14.35
C TRP A 258 -3.67 3.06 13.28
N ALA A 259 -3.75 4.37 13.48
CA ALA A 259 -3.38 5.33 12.42
C ALA A 259 -1.93 5.26 12.07
N THR A 260 -1.10 4.93 13.04
CA THR A 260 0.32 4.73 12.73
C THR A 260 0.70 3.29 12.78
N GLY A 261 -0.28 2.40 12.78
CA GLY A 261 -0.13 1.04 12.38
C GLY A 261 0.43 0.04 13.32
N LYS A 262 0.57 0.36 14.62
CA LYS A 262 1.35 -0.53 15.50
C LYS A 262 0.47 -1.10 16.58
N PHE A 263 0.32 -2.41 16.56
CA PHE A 263 -0.73 -3.11 17.29
C PHE A 263 -0.51 -3.27 18.78
N ARG A 264 0.68 -2.98 19.32
CA ARG A 264 0.85 -2.93 20.76
C ARG A 264 0.11 -1.76 21.38
N ASN A 265 -0.27 -0.76 20.60
CA ASN A 265 -0.99 0.40 21.08
C ASN A 265 -2.48 0.15 20.98
N PRO A 266 -3.25 0.67 21.91
CA PRO A 266 -4.70 0.56 21.75
C PRO A 266 -5.16 1.35 20.52
N PRO A 267 -6.14 0.82 19.79
CA PRO A 267 -6.65 1.56 18.65
C PRO A 267 -7.43 2.81 19.06
N ASP A 268 -7.50 3.79 18.18
CA ASP A 268 -8.41 4.93 18.29
C ASP A 268 -9.81 4.44 17.85
N LEU A 269 -10.82 4.90 18.55
CA LEU A 269 -12.20 4.47 18.34
C LEU A 269 -12.98 5.49 17.55
N ASP A 270 -13.87 5.01 16.69
CA ASP A 270 -14.93 5.84 16.07
C ASP A 270 -14.40 6.95 15.18
N GLN A 271 -13.31 6.71 14.48
CA GLN A 271 -12.69 7.77 13.70
C GLN A 271 -13.49 8.08 12.44
N GLU A 272 -13.57 9.38 12.10
CA GLU A 272 -14.11 9.81 10.81
C GLU A 272 -12.98 9.77 9.79
N THR A 273 -11.86 10.35 10.15
CA THR A 273 -10.71 10.46 9.28
C THR A 273 -9.50 10.28 10.22
N TRP A 274 -8.44 9.69 9.69
CA TRP A 274 -7.25 9.40 10.49
C TRP A 274 -6.04 9.86 9.69
N LEU A 275 -4.95 10.23 10.34
CA LEU A 275 -3.76 10.69 9.62
C LEU A 275 -2.71 9.57 9.63
N ILE A 276 -2.35 9.09 8.46
CA ILE A 276 -1.25 8.15 8.29
C ILE A 276 -0.07 8.98 7.78
N PRO A 277 0.98 9.10 8.58
CA PRO A 277 2.10 9.90 8.12
C PRO A 277 2.83 9.26 6.94
N GLY A 278 3.41 10.08 6.08
CA GLY A 278 4.29 9.56 5.04
C GLY A 278 5.35 8.67 5.68
N GLY A 279 5.60 7.53 5.05
CA GLY A 279 6.51 6.53 5.54
C GLY A 279 5.90 5.58 6.56
N THR A 280 4.57 5.44 6.56
CA THR A 280 3.87 4.65 7.56
C THR A 280 2.78 3.89 6.89
N ALA A 281 2.39 2.78 7.52
CA ALA A 281 1.17 2.09 7.18
C ALA A 281 0.28 2.18 8.38
N GLY A 282 -1.01 2.25 8.11
CA GLY A 282 -2.04 2.24 9.12
C GLY A 282 -3.07 1.16 8.85
N ALA A 283 -3.94 0.91 9.80
CA ALA A 283 -4.97 -0.13 9.63
C ALA A 283 -6.23 0.31 10.32
N ALA A 284 -7.36 0.13 9.64
CA ALA A 284 -8.67 0.50 10.16
C ALA A 284 -9.60 -0.68 10.05
N PHE A 285 -10.37 -0.88 11.11
CA PHE A 285 -11.34 -1.95 11.20
C PHE A 285 -12.74 -1.35 11.23
N TYR A 286 -13.63 -1.85 10.40
CA TYR A 286 -14.99 -1.38 10.39
C TYR A 286 -15.94 -2.53 10.17
N THR A 287 -17.09 -2.48 10.84
CA THR A 287 -18.17 -3.42 10.59
C THR A 287 -19.23 -2.68 9.80
N PHE A 288 -19.50 -3.10 8.57
CA PHE A 288 -20.50 -2.43 7.79
C PHE A 288 -21.90 -2.58 8.40
N ARG A 289 -22.64 -1.49 8.38
CA ARG A 289 -23.99 -1.44 8.91
C ARG A 289 -25.08 -1.10 7.90
N GLN A 290 -24.67 -0.68 6.71
CA GLN A 290 -25.59 -0.27 5.66
C GLN A 290 -25.05 -0.75 4.34
N PRO A 291 -25.94 -1.15 3.43
CA PRO A 291 -25.56 -1.51 2.10
C PRO A 291 -25.35 -0.26 1.24
N GLY A 292 -24.85 -0.49 0.05
CA GLY A 292 -24.72 0.52 -0.98
C GLY A 292 -23.30 0.80 -1.32
N VAL A 293 -23.08 1.91 -2.00
CA VAL A 293 -21.76 2.32 -2.41
C VAL A 293 -21.18 3.21 -1.33
N TYR A 294 -19.94 2.92 -0.98
CA TYR A 294 -19.14 3.80 -0.14
C TYR A 294 -17.96 4.27 -0.96
N ALA A 295 -17.49 5.47 -0.70
CA ALA A 295 -16.23 5.91 -1.28
C ALA A 295 -15.20 5.92 -0.18
N TYR A 296 -14.05 5.36 -0.49
CA TYR A 296 -12.91 5.37 0.43
C TYR A 296 -11.92 6.33 -0.19
N VAL A 297 -11.61 7.39 0.52
CA VAL A 297 -10.87 8.52 -0.05
C VAL A 297 -9.80 9.01 0.88
N ASN A 298 -8.81 9.69 0.31
CA ASN A 298 -7.96 10.62 1.05
C ASN A 298 -8.80 11.89 1.23
N HIS A 299 -9.03 12.33 2.47
CA HIS A 299 -9.92 13.44 2.70
C HIS A 299 -9.26 14.82 2.60
N ASN A 300 -8.17 14.93 1.86
CA ASN A 300 -7.99 16.18 1.12
C ASN A 300 -8.75 15.90 -0.14
N LEU A 301 -9.91 16.53 -0.27
CA LEU A 301 -10.84 16.16 -1.32
C LEU A 301 -10.37 16.56 -2.71
N ILE A 302 -9.42 17.50 -2.78
CA ILE A 302 -8.77 17.80 -4.04
C ILE A 302 -7.92 16.57 -4.46
N GLU A 303 -7.17 16.02 -3.52
CA GLU A 303 -6.32 14.83 -3.77
C GLU A 303 -7.25 13.66 -4.15
N ALA A 304 -8.40 13.54 -3.51
CA ALA A 304 -9.34 12.46 -3.78
C ALA A 304 -9.97 12.58 -5.14
N PHE A 305 -10.61 13.72 -5.40
CA PHE A 305 -11.47 13.82 -6.55
C PHE A 305 -10.86 14.48 -7.75
N GLU A 306 -9.77 15.21 -7.59
CA GLU A 306 -9.07 15.73 -8.74
C GLU A 306 -7.81 14.95 -9.05
N LEU A 307 -7.08 14.46 -8.04
CA LEU A 307 -5.78 13.82 -8.32
C LEU A 307 -5.79 12.30 -8.30
N GLY A 308 -6.90 11.70 -7.89
CA GLY A 308 -7.14 10.28 -8.04
C GLY A 308 -7.26 9.42 -6.78
N ALA A 309 -7.20 10.00 -5.59
CA ALA A 309 -7.07 9.23 -4.35
C ALA A 309 -8.48 8.84 -3.82
N ALA A 310 -9.17 7.99 -4.57
CA ALA A 310 -10.54 7.56 -4.26
C ALA A 310 -10.81 6.20 -4.85
N GLY A 311 -11.44 5.35 -4.04
CA GLY A 311 -11.92 4.02 -4.45
C GLY A 311 -13.32 3.84 -3.93
N HIS A 312 -13.94 2.73 -4.33
CA HIS A 312 -15.30 2.42 -3.92
C HIS A 312 -15.38 1.11 -3.20
N PHE A 313 -16.29 1.03 -2.23
CA PHE A 313 -16.77 -0.24 -1.73
C PHE A 313 -18.19 -0.41 -2.20
N LYS A 314 -18.52 -1.63 -2.59
N LYS A 314 -18.54 -1.64 -2.60
CA LYS A 314 -19.90 -2.00 -2.89
CA LYS A 314 -19.92 -1.97 -2.88
C LYS A 314 -20.30 -2.97 -1.80
C LYS A 314 -20.34 -2.98 -1.85
N VAL A 315 -21.34 -2.63 -1.05
CA VAL A 315 -21.76 -3.42 0.11
C VAL A 315 -23.18 -3.93 -0.10
N THR A 316 -23.34 -5.24 0.08
CA THR A 316 -24.62 -5.89 -0.09
C THR A 316 -25.33 -6.03 1.23
N GLY A 317 -26.65 -6.08 1.18
CA GLY A 317 -27.41 -6.39 2.34
C GLY A 317 -28.61 -5.46 2.51
N GLU A 318 -29.15 -5.53 3.72
CA GLU A 318 -30.41 -4.90 4.11
C GLU A 318 -30.19 -3.45 4.54
N TRP A 319 -31.02 -2.53 4.08
CA TRP A 319 -30.97 -1.14 4.54
C TRP A 319 -31.62 -0.96 5.93
N ASN A 320 -30.98 -0.21 6.81
CA ASN A 320 -31.46 0.03 8.18
C ASN A 320 -32.01 1.44 8.26
N ASP A 321 -33.35 1.56 8.25
CA ASP A 321 -33.98 2.87 8.27
C ASP A 321 -33.91 3.57 9.61
N ASP A 322 -33.70 2.80 10.67
CA ASP A 322 -33.40 3.42 11.97
C ASP A 322 -32.11 4.26 11.94
N LEU A 323 -31.05 3.76 11.28
N LEU A 323 -31.11 3.74 11.24
CA LEU A 323 -29.78 4.50 11.22
CA LEU A 323 -29.82 4.38 11.18
C LEU A 323 -29.84 5.68 10.27
C LEU A 323 -29.85 5.61 10.29
N MET A 324 -30.57 5.55 9.17
CA MET A 324 -30.70 6.65 8.24
C MET A 324 -31.89 6.45 7.38
N THR A 325 -32.60 7.54 7.19
CA THR A 325 -33.72 7.53 6.27
C THR A 325 -33.99 8.90 5.67
N SER A 326 -34.54 8.89 4.46
CA SER A 326 -35.05 10.12 3.86
C SER A 326 -36.46 10.26 4.37
N VAL A 327 -36.71 11.34 5.08
CA VAL A 327 -38.04 11.61 5.63
C VAL A 327 -38.91 12.23 4.54
N VAL A 328 -38.36 13.25 3.90
CA VAL A 328 -38.98 13.92 2.76
C VAL A 328 -37.95 13.95 1.67
N LYS A 329 -38.26 13.24 0.58
CA LYS A 329 -37.34 13.12 -0.53
C LYS A 329 -37.25 14.47 -1.20
N PRO A 330 -36.13 14.78 -1.85
CA PRO A 330 -36.03 16.09 -2.47
C PRO A 330 -37.23 16.41 -3.37
N ALA A 331 -37.82 17.58 -3.14
CA ALA A 331 -39.00 18.02 -3.88
C ALA A 331 -39.14 19.52 -3.83
N SER A 332 -39.97 20.04 -4.75
CA SER A 332 -40.15 21.48 -4.90
C SER A 332 -40.64 22.16 -3.63
CU CU B . 14.14 0.43 -7.07
CU CU C . 11.60 4.19 4.67
N NO D . 13.52 5.27 4.54
O NO D . 13.33 4.20 5.10
N 2NO E . -2.43 18.01 1.69
O1 2NO E . -1.80 16.80 1.40
O2 2NO E . -3.52 18.00 2.22
#